data_8ECQ
#
_entry.id   8ECQ
#
_cell.length_a   66.373
_cell.length_b   66.373
_cell.length_c   232.768
_cell.angle_alpha   90.000
_cell.angle_beta   90.000
_cell.angle_gamma   90.000
#
_symmetry.space_group_name_H-M   'P 41 21 2'
#
loop_
_entity.id
_entity.type
_entity.pdbx_description
1 polymer '2G3 Fab Light chain'
2 polymer '2G3 Fab Heavy chain'
3 non-polymer GLYCEROL
4 non-polymer '2-(N-MORPHOLINO)-ETHANESULFONIC ACID'
5 water water
#
loop_
_entity_poly.entity_id
_entity_poly.type
_entity_poly.pdbx_seq_one_letter_code
_entity_poly.pdbx_strand_id
1 'polypeptide(L)'
;QAVLNQPSSVSGSLGQRVSITCSGSSSNVGNGYVSWYQLIPGSAPRTLIYGDTSRASGVPDRFSGSRSGNTATLTISSLQ
AEDEADYFCASAEDSSSNAVFGSGTTLTVLGQPKAAPSVTLFPPSSEELQANKATLVCLISDFYPGAVTVAWKADSSPVK
AGVETTTPSKQSNNKYAASSYLSLTPEQWKSHRSYSCQVTHEGSTVEKTVAPTECS
;
L
2 'polypeptide(L)'
;(PCA)VQLRESGPSLVKPSQTLSLTCAASGFSLSDKAVGWVRRAPGKALEWLGSIDTGGSTGYNPGLKSRLSITKDNSKS
QVSLSISSVTSEDSATYYCATVHQKTAEGDKTCPDGYEHTCGCIGGCGCKRSACIGALCCQASLGGWLSDGETYTYEFHV
DTWGQGLVVTVSSASTKGPSVFPLAPSSKSTSGGTAALGCLVKDYFPEPVTVSWNSGALTSGVHTFPAVLQSSGLYSLSS
VVTVPSSSLGTQTYICNVNHKPSNTKVDKKVEPKSC
;
H
#
# COMPACT_ATOMS: atom_id res chain seq x y z
N VAL A 3 1.04 5.83 -19.86
CA VAL A 3 0.55 6.26 -18.55
C VAL A 3 -0.42 7.42 -18.68
N LEU A 4 -1.54 7.36 -17.97
CA LEU A 4 -2.50 8.44 -17.98
C LEU A 4 -2.04 9.56 -17.04
N ASN A 5 -2.24 10.80 -17.45
CA ASN A 5 -1.67 11.94 -16.74
C ASN A 5 -2.62 12.40 -15.64
N GLN A 6 -2.15 12.35 -14.39
CA GLN A 6 -2.84 12.90 -13.24
C GLN A 6 -1.95 13.94 -12.59
N PRO A 7 -2.52 14.85 -11.82
CA PRO A 7 -1.68 15.74 -10.99
C PRO A 7 -0.94 14.96 -9.90
N SER A 8 0.30 15.40 -9.62
CA SER A 8 1.09 14.75 -8.59
C SER A 8 0.35 14.75 -7.25
N SER A 9 -0.26 15.86 -6.90
CA SER A 9 -0.89 16.00 -5.59
C SER A 9 -2.02 16.99 -5.68
N VAL A 10 -2.98 16.84 -4.77
CA VAL A 10 -4.06 17.79 -4.61
C VAL A 10 -4.35 17.91 -3.12
N SER A 11 -5.06 18.97 -2.75
CA SER A 11 -5.42 19.21 -1.36
C SER A 11 -6.81 19.80 -1.28
N GLY A 12 -7.57 19.33 -0.30
CA GLY A 12 -8.87 19.91 0.00
C GLY A 12 -9.09 19.92 1.50
N SER A 13 -9.89 20.89 1.94
CA SER A 13 -10.14 21.03 3.37
C SER A 13 -11.23 20.08 3.83
N LEU A 14 -11.25 19.83 5.13
CA LEU A 14 -12.24 18.92 5.71
C LEU A 14 -13.64 19.40 5.37
N GLY A 15 -14.53 18.45 5.06
CA GLY A 15 -15.89 18.74 4.70
C GLY A 15 -16.10 19.32 3.34
N GLN A 16 -15.07 19.86 2.70
CA GLN A 16 -15.21 20.47 1.38
C GLN A 16 -14.97 19.42 0.31
N ARG A 17 -14.62 19.85 -0.89
CA ARG A 17 -14.65 19.02 -2.08
C ARG A 17 -13.39 19.21 -2.89
N VAL A 18 -12.93 18.13 -3.50
CA VAL A 18 -11.72 18.15 -4.31
C VAL A 18 -11.97 17.36 -5.59
N SER A 19 -11.23 17.70 -6.64
CA SER A 19 -11.34 17.04 -7.93
C SER A 19 -9.96 16.63 -8.41
N ILE A 20 -9.88 15.44 -9.01
CA ILE A 20 -8.65 14.85 -9.51
C ILE A 20 -8.88 14.49 -10.97
N THR A 21 -8.04 15.01 -11.86
CA THR A 21 -8.20 14.79 -13.29
C THR A 21 -7.33 13.63 -13.76
N CYS A 22 -7.69 13.10 -14.92
CA CYS A 22 -7.05 11.94 -15.52
C CYS A 22 -7.10 12.16 -17.03
N SER A 23 -5.96 12.51 -17.62
CA SER A 23 -5.89 12.89 -19.02
C SER A 23 -5.22 11.80 -19.83
N GLY A 24 -5.77 11.51 -20.99
CA GLY A 24 -5.24 10.50 -21.89
C GLY A 24 -5.55 10.85 -23.32
N SER A 25 -5.72 9.82 -24.14
CA SER A 25 -6.00 9.96 -25.57
C SER A 25 -7.37 9.39 -25.89
N SER A 26 -7.79 9.56 -27.14
CA SER A 26 -9.07 9.02 -27.58
C SER A 26 -9.05 7.50 -27.67
N SER A 27 -7.88 6.88 -27.60
CA SER A 27 -7.76 5.43 -27.66
C SER A 27 -7.71 4.77 -26.28
N ASN A 28 -7.77 5.55 -25.20
CA ASN A 28 -7.96 4.96 -23.87
C ASN A 28 -9.12 5.66 -23.15
N VAL A 29 -8.88 6.85 -22.60
CA VAL A 29 -9.95 7.56 -21.88
C VAL A 29 -11.12 7.84 -22.80
N GLY A 30 -10.85 8.09 -24.09
CA GLY A 30 -11.93 8.37 -25.03
C GLY A 30 -12.89 7.21 -25.20
N ASN A 31 -12.42 5.98 -25.04
CA ASN A 31 -13.29 4.81 -25.19
C ASN A 31 -14.37 4.77 -24.12
N GLY A 32 -14.30 5.61 -23.10
CA GLY A 32 -15.43 5.84 -22.24
C GLY A 32 -15.67 4.81 -21.15
N TYR A 33 -14.64 4.11 -20.71
CA TYR A 33 -14.76 3.17 -19.60
C TYR A 33 -13.55 3.38 -18.67
N VAL A 34 -13.58 4.47 -17.93
CA VAL A 34 -12.52 4.84 -17.01
C VAL A 34 -12.86 4.30 -15.61
N SER A 35 -11.85 3.75 -14.94
CA SER A 35 -11.99 3.28 -13.57
C SER A 35 -11.10 4.09 -12.64
N TRP A 36 -11.45 4.08 -11.35
CA TRP A 36 -10.75 4.83 -10.32
C TRP A 36 -10.48 3.91 -9.12
N TYR A 37 -9.31 4.07 -8.51
CA TYR A 37 -8.87 3.19 -7.43
C TYR A 37 -8.27 4.01 -6.31
N GLN A 38 -8.55 3.60 -5.07
CA GLN A 38 -8.05 4.26 -3.87
C GLN A 38 -7.07 3.34 -3.17
N LEU A 39 -5.83 3.82 -3.00
CA LEU A 39 -4.78 3.05 -2.35
C LEU A 39 -4.38 3.79 -1.07
N ILE A 40 -4.94 3.35 0.04
CA ILE A 40 -4.57 3.89 1.36
C ILE A 40 -3.30 3.19 1.83
N PRO A 41 -2.31 3.91 2.32
CA PRO A 41 -1.07 3.25 2.76
C PRO A 41 -1.35 2.12 3.74
N GLY A 42 -0.74 0.97 3.45
CA GLY A 42 -0.89 -0.20 4.29
C GLY A 42 -2.06 -1.10 3.94
N SER A 43 -3.09 -0.58 3.28
CA SER A 43 -4.28 -1.34 2.94
C SER A 43 -4.26 -1.78 1.48
N ALA A 44 -5.06 -2.78 1.17
CA ALA A 44 -5.19 -3.24 -0.20
C ALA A 44 -5.90 -2.18 -1.04
N PRO A 45 -5.60 -2.10 -2.33
CA PRO A 45 -6.30 -1.15 -3.19
C PRO A 45 -7.80 -1.38 -3.17
N ARG A 46 -8.54 -0.33 -3.47
CA ARG A 46 -9.99 -0.35 -3.41
C ARG A 46 -10.56 0.26 -4.70
N THR A 47 -11.44 -0.49 -5.36
CA THR A 47 -12.07 0.00 -6.58
C THR A 47 -13.15 0.99 -6.22
N LEU A 48 -13.05 2.20 -6.75
CA LEU A 48 -14.01 3.25 -6.48
C LEU A 48 -15.05 3.39 -7.59
N ILE A 49 -14.61 3.55 -8.83
CA ILE A 49 -15.48 3.88 -9.95
C ILE A 49 -15.12 2.99 -11.12
N TYR A 50 -16.12 2.70 -11.95
CA TYR A 50 -15.92 1.97 -13.20
C TYR A 50 -16.97 2.46 -14.18
N GLY A 51 -16.69 2.28 -15.47
CA GLY A 51 -17.57 2.80 -16.49
C GLY A 51 -17.81 4.28 -16.35
N ASP A 52 -16.73 5.03 -16.08
CA ASP A 52 -16.76 6.48 -15.93
C ASP A 52 -17.43 6.95 -14.65
N THR A 53 -18.65 6.45 -14.37
CA THR A 53 -19.49 7.05 -13.35
C THR A 53 -20.10 6.07 -12.37
N SER A 54 -19.97 4.77 -12.58
CA SER A 54 -20.66 3.79 -11.74
C SER A 54 -19.83 3.53 -10.48
N ARG A 55 -20.45 3.72 -9.33
CA ARG A 55 -19.79 3.47 -8.04
C ARG A 55 -19.72 1.97 -7.78
N ALA A 56 -18.54 1.51 -7.40
CA ALA A 56 -18.34 0.10 -7.09
C ALA A 56 -19.06 -0.26 -5.80
N SER A 57 -19.10 -1.57 -5.53
CA SER A 57 -19.82 -2.06 -4.36
C SER A 57 -19.22 -1.51 -3.08
N GLY A 58 -20.07 -0.88 -2.27
CA GLY A 58 -19.66 -0.34 -1.00
C GLY A 58 -19.09 1.05 -1.04
N VAL A 59 -18.85 1.61 -2.21
CA VAL A 59 -18.31 2.96 -2.33
C VAL A 59 -19.39 3.96 -1.95
N PRO A 60 -19.16 4.81 -0.96
CA PRO A 60 -20.18 5.79 -0.59
C PRO A 60 -20.51 6.75 -1.73
N ASP A 61 -21.64 7.44 -1.60
CA ASP A 61 -22.07 8.37 -2.63
C ASP A 61 -21.13 9.56 -2.76
N ARG A 62 -20.31 9.84 -1.75
CA ARG A 62 -19.43 10.99 -1.77
C ARG A 62 -18.43 10.96 -2.92
N PHE A 63 -18.11 9.77 -3.45
CA PHE A 63 -17.16 9.64 -4.54
C PHE A 63 -17.92 9.67 -5.87
N SER A 64 -17.65 10.68 -6.69
CA SER A 64 -18.32 10.89 -7.96
C SER A 64 -17.31 10.86 -9.09
N GLY A 65 -17.58 10.07 -10.11
CA GLY A 65 -16.77 10.02 -11.31
C GLY A 65 -17.46 10.71 -12.48
N SER A 66 -16.66 11.26 -13.38
CA SER A 66 -17.19 11.93 -14.56
C SER A 66 -16.15 11.88 -15.67
N ARG A 67 -16.56 12.32 -16.86
CA ARG A 67 -15.67 12.36 -18.00
C ARG A 67 -16.20 13.34 -19.04
N SER A 68 -15.27 14.03 -19.70
CA SER A 68 -15.60 14.86 -20.86
C SER A 68 -14.47 14.67 -21.86
N GLY A 69 -14.74 13.98 -22.96
CA GLY A 69 -13.70 13.75 -23.94
C GLY A 69 -12.63 12.85 -23.37
N ASN A 70 -11.38 13.26 -23.50
CA ASN A 70 -10.24 12.43 -23.12
C ASN A 70 -9.70 12.77 -21.74
N THR A 71 -10.50 13.43 -20.90
CA THR A 71 -10.08 13.77 -19.54
C THR A 71 -11.20 13.38 -18.58
N ALA A 72 -10.92 12.38 -17.73
CA ALA A 72 -11.83 11.97 -16.68
C ALA A 72 -11.51 12.69 -15.37
N THR A 73 -12.49 12.69 -14.47
CA THR A 73 -12.36 13.40 -13.22
C THR A 73 -13.00 12.59 -12.10
N LEU A 74 -12.26 12.41 -11.01
CA LEU A 74 -12.80 11.91 -9.76
C LEU A 74 -13.04 13.08 -8.82
N THR A 75 -14.27 13.20 -8.32
CA THR A 75 -14.64 14.26 -7.40
C THR A 75 -15.01 13.65 -6.05
N ILE A 76 -14.35 14.09 -5.00
CA ILE A 76 -14.58 13.60 -3.64
C ILE A 76 -15.18 14.75 -2.83
N SER A 77 -16.37 14.52 -2.28
CA SER A 77 -17.08 15.53 -1.52
C SER A 77 -17.12 15.13 -0.04
N SER A 78 -17.46 16.11 0.79
CA SER A 78 -17.48 15.92 2.25
C SER A 78 -16.19 15.25 2.71
N LEU A 79 -15.08 15.88 2.35
CA LEU A 79 -13.76 15.30 2.60
C LEU A 79 -13.58 14.94 4.07
N GLN A 80 -13.14 13.71 4.32
CA GLN A 80 -12.80 13.20 5.64
C GLN A 80 -11.32 12.87 5.67
N ALA A 81 -10.77 12.82 6.88
CA ALA A 81 -9.34 12.54 7.02
C ALA A 81 -9.00 11.17 6.44
N GLU A 82 -9.93 10.20 6.59
CA GLU A 82 -9.67 8.87 6.07
C GLU A 82 -9.53 8.82 4.55
N ASP A 83 -9.83 9.92 3.85
CA ASP A 83 -9.75 9.95 2.40
C ASP A 83 -8.33 10.19 1.89
N GLU A 84 -7.41 10.59 2.75
CA GLU A 84 -6.02 10.73 2.34
C GLU A 84 -5.50 9.40 1.82
N ALA A 85 -4.92 9.42 0.62
CA ALA A 85 -4.57 8.20 -0.07
C ALA A 85 -4.05 8.59 -1.44
N ASP A 86 -3.52 7.60 -2.15
CA ASP A 86 -3.06 7.75 -3.53
C ASP A 86 -4.19 7.26 -4.43
N TYR A 87 -4.59 8.09 -5.38
CA TYR A 87 -5.72 7.81 -6.27
C TYR A 87 -5.22 7.59 -7.69
N PHE A 88 -5.69 6.51 -8.31
CA PHE A 88 -5.26 6.12 -9.65
C PHE A 88 -6.49 5.94 -10.53
N CYS A 89 -6.39 6.44 -11.76
CA CYS A 89 -7.36 6.12 -12.80
C CYS A 89 -6.77 5.05 -13.71
N ALA A 90 -7.65 4.42 -14.48
CA ALA A 90 -7.21 3.42 -15.43
C ALA A 90 -8.19 3.36 -16.60
N SER A 91 -7.77 2.70 -17.67
CA SER A 91 -8.60 2.51 -18.85
C SER A 91 -7.92 1.52 -19.77
N ALA A 92 -8.72 0.66 -20.40
CA ALA A 92 -8.19 -0.22 -21.44
C ALA A 92 -7.65 0.62 -22.59
N GLU A 93 -6.80 -0.01 -23.42
CA GLU A 93 -6.27 0.63 -24.62
C GLU A 93 -6.08 -0.42 -25.71
N ASP A 94 -6.96 -0.37 -26.71
CA ASP A 94 -6.92 -1.25 -27.88
C ASP A 94 -7.12 -2.73 -27.57
N SER A 95 -7.40 -3.04 -26.31
CA SER A 95 -7.66 -4.41 -25.90
C SER A 95 -8.26 -4.40 -24.50
N SER A 96 -9.29 -5.23 -24.30
CA SER A 96 -9.88 -5.35 -22.97
C SER A 96 -8.91 -5.96 -21.97
N SER A 97 -7.82 -6.56 -22.44
CA SER A 97 -6.79 -7.14 -21.56
C SER A 97 -5.52 -6.31 -21.56
N ASN A 98 -5.59 -5.05 -22.00
CA ASN A 98 -4.44 -4.13 -21.97
C ASN A 98 -4.87 -2.89 -21.21
N ALA A 99 -4.64 -2.89 -19.89
CA ALA A 99 -5.05 -1.78 -19.04
C ALA A 99 -3.89 -0.80 -18.86
N VAL A 100 -4.21 0.49 -18.83
CA VAL A 100 -3.24 1.54 -18.60
C VAL A 100 -3.68 2.30 -17.35
N PHE A 101 -2.76 2.50 -16.41
CA PHE A 101 -3.05 3.24 -15.19
C PHE A 101 -2.57 4.68 -15.29
N GLY A 102 -3.17 5.55 -14.50
CA GLY A 102 -2.68 6.89 -14.34
C GLY A 102 -1.40 6.94 -13.50
N SER A 103 -0.79 8.11 -13.47
CA SER A 103 0.45 8.31 -12.73
C SER A 103 0.21 8.47 -11.24
N GLY A 104 -1.03 8.52 -10.79
CA GLY A 104 -1.33 8.61 -9.38
C GLY A 104 -1.36 10.01 -8.82
N THR A 105 -2.24 10.25 -7.86
CA THR A 105 -2.40 11.56 -7.23
C THR A 105 -2.49 11.38 -5.72
N THR A 106 -1.64 12.07 -4.98
CA THR A 106 -1.68 12.06 -3.53
C THR A 106 -2.63 13.15 -3.04
N LEU A 107 -3.57 12.78 -2.17
CA LEU A 107 -4.57 13.70 -1.64
C LEU A 107 -4.23 14.07 -0.20
N THR A 108 -4.10 15.36 0.06
CA THR A 108 -3.91 15.88 1.41
C THR A 108 -5.17 16.58 1.87
N VAL A 109 -5.78 16.07 2.93
CA VAL A 109 -6.94 16.72 3.53
C VAL A 109 -6.45 17.74 4.56
N LEU A 110 -6.90 18.97 4.39
CA LEU A 110 -6.44 20.11 5.16
C LEU A 110 -7.37 20.42 6.31
N GLY A 111 -6.86 21.15 7.29
CA GLY A 111 -7.62 21.50 8.46
C GLY A 111 -7.63 20.47 9.56
N GLN A 112 -6.84 19.42 9.45
CA GLN A 112 -6.79 18.41 10.50
C GLN A 112 -6.07 18.97 11.73
N PRO A 113 -6.61 18.78 12.93
CA PRO A 113 -6.01 19.41 14.10
C PRO A 113 -4.82 18.63 14.62
N LYS A 114 -3.93 19.35 15.29
CA LYS A 114 -2.71 18.77 15.83
C LYS A 114 -3.03 17.71 16.87
N ALA A 115 -2.29 16.61 16.81
CA ALA A 115 -2.30 15.58 17.83
C ALA A 115 -0.87 15.32 18.27
N ALA A 116 -0.62 15.35 19.57
CA ALA A 116 0.75 15.28 20.09
C ALA A 116 1.16 13.83 20.27
N PRO A 117 2.44 13.54 20.08
CA PRO A 117 2.90 12.15 20.13
C PRO A 117 2.99 11.61 21.55
N SER A 118 2.69 10.32 21.67
CA SER A 118 3.01 9.54 22.87
C SER A 118 4.27 8.73 22.61
N VAL A 119 5.20 8.75 23.55
CA VAL A 119 6.49 8.11 23.37
C VAL A 119 6.65 6.99 24.39
N THR A 120 7.00 5.81 23.91
CA THR A 120 7.36 4.67 24.74
C THR A 120 8.77 4.25 24.39
N LEU A 121 9.66 4.20 25.39
CA LEU A 121 11.06 3.87 25.22
C LEU A 121 11.37 2.61 26.01
N PHE A 122 11.86 1.58 25.32
CA PHE A 122 12.26 0.32 25.96
C PHE A 122 13.77 0.21 26.00
N PRO A 123 14.34 -0.28 27.10
CA PRO A 123 15.76 -0.56 27.13
C PRO A 123 16.04 -1.92 26.53
N PRO A 124 17.31 -2.25 26.30
CA PRO A 124 17.64 -3.58 25.75
C PRO A 124 17.23 -4.68 26.72
N SER A 125 16.69 -5.76 26.18
CA SER A 125 16.30 -6.89 27.01
C SER A 125 17.55 -7.59 27.53
N SER A 126 17.40 -8.28 28.64
CA SER A 126 18.50 -9.08 29.17
C SER A 126 18.91 -10.15 28.18
N GLU A 127 17.96 -10.70 27.42
CA GLU A 127 18.30 -11.73 26.43
C GLU A 127 19.22 -11.17 25.36
N GLU A 128 18.90 -9.99 24.84
CA GLU A 128 19.71 -9.43 23.77
C GLU A 128 21.14 -9.14 24.25
N LEU A 129 21.28 -8.62 25.46
CA LEU A 129 22.61 -8.38 26.00
C LEU A 129 23.44 -9.65 26.02
N GLN A 130 22.80 -10.79 26.32
CA GLN A 130 23.54 -12.04 26.33
C GLN A 130 23.94 -12.49 24.93
N ALA A 131 23.19 -12.08 23.90
CA ALA A 131 23.60 -12.26 22.52
C ALA A 131 24.61 -11.21 22.11
N ASN A 132 25.12 -10.43 23.06
CA ASN A 132 26.14 -9.42 22.81
C ASN A 132 25.64 -8.35 21.84
N LYS A 133 24.38 -7.94 22.03
CA LYS A 133 23.81 -6.83 21.31
C LYS A 133 23.00 -5.98 22.29
N ALA A 134 22.60 -4.79 21.86
CA ALA A 134 21.81 -3.92 22.69
C ALA A 134 21.09 -2.93 21.78
N THR A 135 19.76 -2.91 21.83
CA THR A 135 18.96 -2.02 21.01
C THR A 135 18.00 -1.27 21.92
N LEU A 136 18.06 0.07 21.87
CA LEU A 136 17.03 0.92 22.47
C LEU A 136 15.91 1.16 21.45
N VAL A 137 14.67 0.99 21.88
CA VAL A 137 13.50 1.04 21.01
C VAL A 137 12.59 2.19 21.47
N CYS A 138 12.43 3.19 20.60
CA CYS A 138 11.64 4.38 20.88
C CYS A 138 10.44 4.36 19.96
N LEU A 139 9.26 4.10 20.52
CA LEU A 139 8.02 3.98 19.77
C LEU A 139 7.20 5.26 19.94
N ILE A 140 6.70 5.80 18.83
CA ILE A 140 6.07 7.11 18.77
C ILE A 140 4.72 6.93 18.11
N SER A 141 3.66 7.33 18.80
CA SER A 141 2.30 7.02 18.38
C SER A 141 1.40 8.24 18.47
N ASP A 142 0.31 8.21 17.72
CA ASP A 142 -0.85 9.09 17.93
C ASP A 142 -0.54 10.57 17.72
N PHE A 143 0.16 10.88 16.63
CA PHE A 143 0.49 12.27 16.34
C PHE A 143 0.07 12.65 14.92
N TYR A 144 -0.14 13.95 14.72
CA TYR A 144 -0.47 14.56 13.43
C TYR A 144 0.05 15.98 13.51
N PRO A 145 0.72 16.49 12.48
CA PRO A 145 1.05 15.87 11.19
C PRO A 145 2.12 14.79 11.31
N GLY A 146 2.29 14.00 10.24
CA GLY A 146 3.28 12.94 10.22
C GLY A 146 4.68 13.44 9.93
N ALA A 147 5.22 14.21 10.87
CA ALA A 147 6.57 14.73 10.73
C ALA A 147 7.17 14.90 12.12
N VAL A 148 8.23 14.14 12.41
CA VAL A 148 8.92 14.26 13.68
C VAL A 148 10.42 14.24 13.39
N THR A 149 11.19 14.77 14.34
CA THR A 149 12.63 14.62 14.37
C THR A 149 12.97 13.93 15.68
N VAL A 150 13.83 12.92 15.61
CA VAL A 150 14.17 12.10 16.76
C VAL A 150 15.66 12.26 16.98
N ALA A 151 16.03 12.65 18.19
CA ALA A 151 17.41 12.81 18.61
C ALA A 151 17.65 11.90 19.80
N TRP A 152 18.87 11.36 19.89
CA TRP A 152 19.25 10.44 20.95
C TRP A 152 20.40 11.03 21.75
N LYS A 153 20.38 10.80 23.06
CA LYS A 153 21.41 11.30 23.96
C LYS A 153 21.96 10.13 24.77
N ALA A 154 23.29 10.08 24.88
CA ALA A 154 23.97 9.20 25.84
C ALA A 154 24.36 10.04 27.03
N ASP A 155 23.79 9.73 28.20
CA ASP A 155 23.83 10.68 29.32
C ASP A 155 23.21 11.97 28.81
N SER A 156 24.03 13.00 28.61
CA SER A 156 23.55 14.28 28.08
C SER A 156 24.27 14.68 26.80
N SER A 157 24.99 13.78 26.17
CA SER A 157 25.72 14.06 24.94
C SER A 157 24.96 13.50 23.75
N PRO A 158 24.94 14.20 22.61
CA PRO A 158 24.18 13.71 21.46
C PRO A 158 24.82 12.46 20.86
N VAL A 159 23.97 11.61 20.31
CA VAL A 159 24.38 10.37 19.67
C VAL A 159 23.81 10.36 18.26
N LYS A 160 24.68 10.23 17.27
CA LYS A 160 24.25 10.12 15.88
C LYS A 160 24.54 8.75 15.26
N ALA A 161 25.60 8.09 15.70
CA ALA A 161 25.92 6.77 15.16
C ALA A 161 24.96 5.74 15.70
N GLY A 162 24.53 4.83 14.82
CA GLY A 162 23.70 3.72 15.22
C GLY A 162 22.22 4.01 15.31
N VAL A 163 21.79 5.19 14.89
CA VAL A 163 20.39 5.59 14.97
C VAL A 163 19.68 5.28 13.65
N GLU A 164 18.54 4.62 13.75
CA GLU A 164 17.71 4.30 12.58
C GLU A 164 16.29 4.73 12.91
N THR A 165 15.72 5.60 12.08
CA THR A 165 14.39 6.15 12.30
C THR A 165 13.53 6.00 11.06
N THR A 166 12.28 5.58 11.27
CA THR A 166 11.35 5.42 10.16
C THR A 166 10.76 6.76 9.73
N THR A 167 10.33 6.80 8.49
CA THR A 167 9.44 7.87 8.04
C THR A 167 8.07 7.63 8.64
N PRO A 168 7.43 8.64 9.21
CA PRO A 168 6.12 8.40 9.83
C PRO A 168 5.14 7.81 8.84
N SER A 169 4.27 6.92 9.31
CA SER A 169 3.20 6.36 8.49
C SER A 169 1.90 6.35 9.28
N LYS A 170 0.79 6.34 8.54
CA LYS A 170 -0.52 6.59 9.11
C LYS A 170 -1.06 5.34 9.77
N GLN A 171 -1.62 5.50 10.97
CA GLN A 171 -2.24 4.39 11.69
C GLN A 171 -3.71 4.26 11.27
N SER A 172 -4.46 3.43 11.99
CA SER A 172 -5.88 3.23 11.66
C SER A 172 -6.73 4.41 12.09
N ASN A 173 -6.31 5.15 13.12
CA ASN A 173 -7.12 6.21 13.70
C ASN A 173 -6.84 7.56 13.07
N ASN A 174 -6.19 7.58 11.91
CA ASN A 174 -5.82 8.78 11.17
C ASN A 174 -4.68 9.54 11.81
N LYS A 175 -4.01 8.94 12.79
CA LYS A 175 -2.81 9.51 13.36
C LYS A 175 -1.60 8.70 12.90
N TYR A 176 -0.42 9.25 13.15
CA TYR A 176 0.81 8.70 12.61
C TYR A 176 1.60 7.93 13.66
N ALA A 177 2.44 7.03 13.18
CA ALA A 177 3.30 6.22 14.03
C ALA A 177 4.69 6.26 13.43
N ALA A 178 5.68 6.20 14.31
CA ALA A 178 7.07 6.16 13.90
C ALA A 178 7.86 5.44 15.00
N SER A 179 9.04 4.96 14.64
CA SER A 179 9.91 4.30 15.58
C SER A 179 11.35 4.66 15.27
N SER A 180 12.16 4.70 16.32
CA SER A 180 13.58 5.00 16.19
C SER A 180 14.33 3.95 16.99
N TYR A 181 15.42 3.45 16.41
CA TYR A 181 16.23 2.42 17.04
C TYR A 181 17.66 2.89 17.22
N LEU A 182 18.21 2.68 18.42
CA LEU A 182 19.61 2.97 18.71
C LEU A 182 20.31 1.65 19.02
N SER A 183 21.28 1.29 18.20
CA SER A 183 22.02 0.05 18.38
C SER A 183 23.32 0.36 19.09
N LEU A 184 23.55 -0.34 20.22
CA LEU A 184 24.75 -0.18 21.02
C LEU A 184 25.37 -1.55 21.26
N THR A 185 26.59 -1.55 21.77
CA THR A 185 27.15 -2.75 22.38
C THR A 185 26.68 -2.84 23.82
N PRO A 186 26.66 -4.04 24.40
CA PRO A 186 26.33 -4.14 25.83
C PRO A 186 27.27 -3.30 26.69
N GLU A 187 28.51 -3.13 26.24
CA GLU A 187 29.47 -2.33 27.00
C GLU A 187 29.05 -0.86 27.04
N GLN A 188 28.70 -0.30 25.88
CA GLN A 188 28.23 1.08 25.85
C GLN A 188 27.01 1.28 26.74
N TRP A 189 26.01 0.41 26.58
CA TRP A 189 24.80 0.50 27.38
C TRP A 189 25.12 0.55 28.86
N LYS A 190 25.99 -0.37 29.33
CA LYS A 190 26.28 -0.48 30.75
C LYS A 190 27.14 0.68 31.25
N SER A 191 27.93 1.29 30.37
CA SER A 191 28.91 2.28 30.82
C SER A 191 28.28 3.65 31.07
N HIS A 192 27.15 3.96 30.44
CA HIS A 192 26.53 5.26 30.61
C HIS A 192 25.51 5.21 31.75
N ARG A 193 25.23 6.38 32.30
CA ARG A 193 24.23 6.48 33.36
C ARG A 193 22.81 6.39 32.80
N SER A 194 22.61 6.84 31.56
CA SER A 194 21.29 6.74 30.96
C SER A 194 21.40 7.01 29.47
N TYR A 195 20.33 6.67 28.75
CA TYR A 195 20.14 7.05 27.36
C TYR A 195 18.75 7.69 27.24
N SER A 196 18.63 8.62 26.30
CA SER A 196 17.39 9.37 26.13
C SER A 196 16.98 9.38 24.65
N CYS A 197 15.68 9.25 24.42
CA CYS A 197 15.06 9.46 23.12
C CYS A 197 14.29 10.77 23.20
N GLN A 198 14.62 11.72 22.31
CA GLN A 198 13.99 13.04 22.27
C GLN A 198 13.19 13.17 20.98
N VAL A 199 11.87 13.26 21.12
CA VAL A 199 10.95 13.29 20.00
C VAL A 199 10.38 14.70 19.90
N THR A 200 10.70 15.40 18.81
CA THR A 200 10.26 16.77 18.57
C THR A 200 9.16 16.76 17.52
N HIS A 201 7.99 17.28 17.88
CA HIS A 201 6.83 17.33 17.00
C HIS A 201 6.19 18.70 17.15
N GLU A 202 6.12 19.45 16.04
CA GLU A 202 5.47 20.75 16.00
C GLU A 202 5.97 21.66 17.11
N GLY A 203 7.29 21.76 17.21
CA GLY A 203 7.94 22.67 18.13
C GLY A 203 8.03 22.21 19.58
N SER A 204 7.43 21.09 19.94
CA SER A 204 7.48 20.56 21.29
C SER A 204 8.23 19.24 21.30
N THR A 205 8.99 19.01 22.36
CA THR A 205 9.84 17.84 22.47
C THR A 205 9.41 17.00 23.66
N VAL A 206 9.24 15.70 23.42
CA VAL A 206 9.03 14.70 24.47
C VAL A 206 10.30 13.90 24.62
N GLU A 207 10.86 13.86 25.83
CA GLU A 207 12.05 13.09 26.11
C GLU A 207 11.71 11.96 27.09
N LYS A 208 12.05 10.73 26.71
CA LYS A 208 11.99 9.58 27.60
C LYS A 208 13.40 9.06 27.80
N THR A 209 13.67 8.55 29.00
CA THR A 209 15.01 8.16 29.41
C THR A 209 14.99 6.79 30.06
N VAL A 210 16.05 6.00 29.81
CA VAL A 210 16.19 4.69 30.42
C VAL A 210 17.62 4.58 30.92
N ALA A 211 17.83 3.75 31.94
CA ALA A 211 19.13 3.60 32.57
C ALA A 211 19.46 2.12 32.75
N PRO A 212 20.72 1.73 32.54
CA PRO A 212 21.09 0.33 32.76
C PRO A 212 20.86 -0.13 34.18
N THR A 213 20.91 0.79 35.15
CA THR A 213 20.72 0.40 36.55
C THR A 213 19.34 -0.17 36.78
N GLU A 214 18.33 0.35 36.08
CA GLU A 214 16.98 -0.17 36.21
C GLU A 214 16.91 -1.56 35.59
N CYS A 215 16.41 -2.53 36.36
CA CYS A 215 16.16 -3.86 35.82
C CYS A 215 14.73 -4.30 36.14
N VAL B 2 -15.91 -13.32 -2.54
CA VAL B 2 -14.79 -13.50 -3.46
C VAL B 2 -13.49 -13.13 -2.73
N GLN B 3 -12.54 -14.07 -2.72
CA GLN B 3 -11.27 -13.86 -2.04
C GLN B 3 -10.14 -14.34 -2.93
N LEU B 4 -9.01 -13.63 -2.86
CA LEU B 4 -7.82 -13.98 -3.64
C LEU B 4 -6.61 -13.87 -2.73
N ARG B 5 -5.72 -14.85 -2.82
CA ARG B 5 -4.57 -14.95 -1.93
C ARG B 5 -3.34 -15.24 -2.77
N GLU B 6 -2.33 -14.37 -2.65
CA GLU B 6 -1.09 -14.52 -3.39
C GLU B 6 -0.06 -15.27 -2.55
N SER B 7 0.69 -16.16 -3.20
CA SER B 7 1.76 -16.89 -2.56
C SER B 7 2.94 -16.98 -3.51
N GLY B 8 4.12 -17.20 -2.93
CA GLY B 8 5.35 -17.25 -3.68
C GLY B 8 6.46 -16.65 -2.88
N PRO B 9 7.68 -16.67 -3.42
CA PRO B 9 8.83 -16.17 -2.65
C PRO B 9 8.83 -14.65 -2.56
N SER B 10 9.15 -14.16 -1.37
CA SER B 10 9.29 -12.72 -1.15
C SER B 10 10.67 -12.24 -1.51
N LEU B 11 11.58 -13.16 -1.86
CA LEU B 11 12.94 -12.82 -2.24
C LEU B 11 13.28 -13.60 -3.49
N VAL B 12 13.83 -12.94 -4.51
CA VAL B 12 14.30 -13.56 -5.75
C VAL B 12 15.63 -12.93 -6.10
N LYS B 13 16.58 -13.74 -6.54
CA LYS B 13 17.87 -13.22 -6.95
C LYS B 13 17.76 -12.56 -8.33
N PRO B 14 18.62 -11.59 -8.62
CA PRO B 14 18.54 -10.92 -9.94
C PRO B 14 18.82 -11.92 -11.06
N SER B 15 18.01 -11.83 -12.12
CA SER B 15 18.05 -12.65 -13.33
C SER B 15 17.29 -13.96 -13.16
N GLN B 16 16.82 -14.28 -11.98
CA GLN B 16 16.00 -15.46 -11.78
C GLN B 16 14.59 -15.20 -12.29
N THR B 17 13.74 -16.21 -12.19
CA THR B 17 12.34 -16.11 -12.61
C THR B 17 11.49 -16.05 -11.36
N LEU B 18 10.70 -14.99 -11.23
CA LEU B 18 9.75 -14.88 -10.14
C LEU B 18 8.46 -15.59 -10.54
N SER B 19 7.98 -16.51 -9.70
CA SER B 19 6.77 -17.26 -9.98
C SER B 19 5.84 -17.15 -8.79
N LEU B 20 4.65 -16.63 -9.01
CA LEU B 20 3.64 -16.46 -7.97
C LEU B 20 2.41 -17.29 -8.29
N THR B 21 1.53 -17.41 -7.29
CA THR B 21 0.30 -18.18 -7.43
C THR B 21 -0.82 -17.46 -6.71
N CYS B 22 -2.02 -17.52 -7.29
CA CYS B 22 -3.20 -16.87 -6.75
C CYS B 22 -4.24 -17.94 -6.45
N ALA B 23 -4.72 -17.97 -5.22
CA ALA B 23 -5.70 -18.96 -4.78
C ALA B 23 -7.08 -18.30 -4.72
N ALA B 24 -8.04 -18.86 -5.45
CA ALA B 24 -9.37 -18.30 -5.56
C ALA B 24 -10.32 -18.96 -4.56
N SER B 25 -11.30 -18.20 -4.12
CA SER B 25 -12.32 -18.70 -3.20
C SER B 25 -13.51 -17.76 -3.28
N GLY B 26 -14.71 -18.34 -3.25
CA GLY B 26 -15.93 -17.58 -3.40
C GLY B 26 -16.43 -17.49 -4.83
N PHE B 27 -15.79 -18.19 -5.77
CA PHE B 27 -16.21 -18.17 -7.17
C PHE B 27 -15.40 -19.24 -7.90
N SER B 28 -15.71 -19.42 -9.18
CA SER B 28 -15.02 -20.38 -10.02
C SER B 28 -14.20 -19.64 -11.08
N LEU B 29 -12.98 -20.13 -11.30
CA LEU B 29 -12.11 -19.55 -12.33
C LEU B 29 -12.71 -19.67 -13.72
N SER B 30 -13.74 -20.50 -13.88
CA SER B 30 -14.44 -20.61 -15.16
C SER B 30 -15.54 -19.57 -15.29
N ASP B 31 -15.68 -18.67 -14.31
CA ASP B 31 -16.72 -17.65 -14.33
C ASP B 31 -16.17 -16.22 -14.42
N LYS B 32 -15.09 -15.92 -13.72
CA LYS B 32 -14.47 -14.61 -13.75
C LYS B 32 -13.04 -14.69 -14.29
N ALA B 33 -12.59 -13.61 -14.90
CA ALA B 33 -11.20 -13.47 -15.30
C ALA B 33 -10.38 -12.99 -14.11
N VAL B 34 -9.12 -13.40 -14.09
CA VAL B 34 -8.19 -13.02 -13.04
C VAL B 34 -6.98 -12.35 -13.67
N GLY B 35 -6.53 -11.25 -13.06
CA GLY B 35 -5.40 -10.51 -13.56
C GLY B 35 -4.40 -10.20 -12.46
N TRP B 36 -3.21 -9.77 -12.88
CA TRP B 36 -2.12 -9.44 -11.99
C TRP B 36 -1.75 -7.97 -12.14
N VAL B 37 -1.55 -7.30 -11.01
CA VAL B 37 -1.18 -5.90 -10.96
C VAL B 37 -0.07 -5.74 -9.91
N ARG B 38 0.92 -4.90 -10.19
CA ARG B 38 1.99 -4.65 -9.23
C ARG B 38 2.17 -3.15 -9.03
N ARG B 39 2.64 -2.79 -7.83
CA ARG B 39 3.02 -1.41 -7.53
C ARG B 39 4.39 -1.42 -6.88
N ALA B 40 5.40 -0.92 -7.57
CA ALA B 40 6.73 -0.77 -6.99
C ALA B 40 6.73 0.40 -6.00
N PRO B 41 7.66 0.40 -5.04
CA PRO B 41 7.69 1.47 -4.04
C PRO B 41 7.77 2.85 -4.68
N GLY B 42 6.81 3.71 -4.34
CA GLY B 42 6.77 5.07 -4.84
C GLY B 42 6.17 5.26 -6.21
N LYS B 43 6.10 4.22 -7.02
CA LYS B 43 5.66 4.34 -8.40
C LYS B 43 4.17 4.02 -8.53
N ALA B 44 3.69 4.07 -9.76
CA ALA B 44 2.27 3.90 -10.06
C ALA B 44 1.92 2.44 -10.28
N LEU B 45 0.63 2.13 -10.12
CA LEU B 45 0.12 0.82 -10.51
C LEU B 45 0.58 0.49 -11.92
N GLU B 46 0.93 -0.76 -12.15
CA GLU B 46 1.42 -1.21 -13.44
C GLU B 46 0.72 -2.52 -13.78
N TRP B 47 0.00 -2.53 -14.89
CA TRP B 47 -0.67 -3.73 -15.35
C TRP B 47 0.35 -4.79 -15.77
N LEU B 48 0.04 -6.04 -15.45
CA LEU B 48 0.88 -7.16 -15.86
C LEU B 48 0.16 -8.03 -16.91
N GLY B 49 -1.00 -8.58 -16.58
CA GLY B 49 -1.71 -9.42 -17.51
C GLY B 49 -2.87 -10.11 -16.85
N SER B 50 -3.65 -10.81 -17.68
CA SER B 50 -4.82 -11.53 -17.20
C SER B 50 -5.05 -12.76 -18.07
N ILE B 51 -5.87 -13.67 -17.55
CA ILE B 51 -6.29 -14.88 -18.25
C ILE B 51 -7.79 -15.01 -18.05
N ASP B 52 -8.53 -15.02 -19.15
CA ASP B 52 -9.99 -14.93 -19.08
C ASP B 52 -10.59 -16.31 -18.84
N THR B 53 -11.92 -16.39 -18.87
CA THR B 53 -12.61 -17.65 -18.58
C THR B 53 -12.28 -18.75 -19.58
N GLY B 54 -11.80 -18.40 -20.76
CA GLY B 54 -11.44 -19.36 -21.77
C GLY B 54 -9.98 -19.76 -21.81
N GLY B 55 -9.19 -19.35 -20.84
CA GLY B 55 -7.78 -19.63 -20.85
C GLY B 55 -6.97 -18.76 -21.78
N SER B 56 -7.55 -17.68 -22.29
CA SER B 56 -6.86 -16.78 -23.21
C SER B 56 -6.22 -15.64 -22.41
N THR B 57 -4.96 -15.36 -22.71
CA THR B 57 -4.14 -14.45 -21.92
C THR B 57 -3.92 -13.13 -22.66
N GLY B 58 -3.94 -12.05 -21.91
CA GLY B 58 -3.51 -10.75 -22.42
C GLY B 58 -2.49 -10.15 -21.48
N TYR B 59 -1.51 -9.45 -22.05
CA TYR B 59 -0.38 -8.97 -21.29
C TYR B 59 -0.13 -7.48 -21.53
N ASN B 60 0.59 -6.87 -20.59
CA ASN B 60 1.21 -5.57 -20.80
C ASN B 60 2.20 -5.67 -21.94
N PRO B 61 2.04 -4.90 -23.02
CA PRO B 61 2.90 -5.13 -24.19
C PRO B 61 4.38 -4.92 -23.91
N GLY B 62 4.73 -3.97 -23.05
CA GLY B 62 6.14 -3.75 -22.79
C GLY B 62 6.78 -4.86 -21.97
N LEU B 63 5.98 -5.61 -21.23
CA LEU B 63 6.49 -6.68 -20.38
C LEU B 63 6.18 -8.06 -20.94
N LYS B 64 5.43 -8.15 -22.04
CA LYS B 64 4.95 -9.44 -22.53
C LYS B 64 6.07 -10.45 -22.68
N SER B 65 7.19 -10.04 -23.27
CA SER B 65 8.27 -10.98 -23.56
C SER B 65 8.75 -11.70 -22.30
N ARG B 66 8.55 -11.12 -21.12
CA ARG B 66 9.02 -11.72 -19.88
C ARG B 66 7.90 -12.29 -19.02
N LEU B 67 6.66 -12.27 -19.48
CA LEU B 67 5.54 -12.70 -18.68
C LEU B 67 4.98 -14.02 -19.18
N SER B 68 4.15 -14.65 -18.33
CA SER B 68 3.47 -15.90 -18.64
C SER B 68 2.45 -16.21 -17.56
N ILE B 69 1.17 -16.27 -17.93
CA ILE B 69 0.09 -16.55 -17.00
C ILE B 69 -0.59 -17.85 -17.41
N THR B 70 -0.73 -18.75 -16.45
CA THR B 70 -1.41 -20.03 -16.66
C THR B 70 -2.48 -20.20 -15.59
N LYS B 71 -3.38 -21.15 -15.82
CA LYS B 71 -4.51 -21.37 -14.93
C LYS B 71 -4.87 -22.85 -14.91
N ASP B 72 -5.43 -23.28 -13.77
CA ASP B 72 -5.95 -24.64 -13.61
C ASP B 72 -7.27 -24.53 -12.84
N ASN B 73 -8.39 -24.57 -13.58
CA ASN B 73 -9.70 -24.40 -12.95
C ASN B 73 -9.90 -25.41 -11.83
N SER B 74 -9.40 -26.64 -12.00
CA SER B 74 -9.55 -27.68 -11.00
C SER B 74 -8.99 -27.21 -9.67
N LYS B 75 -7.68 -27.05 -9.60
CA LYS B 75 -7.04 -26.57 -8.37
C LYS B 75 -7.47 -25.16 -7.99
N SER B 76 -8.14 -24.45 -8.90
CA SER B 76 -8.61 -23.09 -8.63
C SER B 76 -7.43 -22.16 -8.32
N GLN B 77 -6.41 -22.22 -9.17
CA GLN B 77 -5.21 -21.43 -9.02
C GLN B 77 -4.88 -20.69 -10.30
N VAL B 78 -4.32 -19.49 -10.15
CA VAL B 78 -3.79 -18.69 -11.24
C VAL B 78 -2.33 -18.40 -10.96
N SER B 79 -1.47 -18.67 -11.94
CA SER B 79 -0.04 -18.52 -11.77
C SER B 79 0.50 -17.38 -12.63
N LEU B 80 1.62 -16.82 -12.18
CA LEU B 80 2.33 -15.77 -12.91
C LEU B 80 3.82 -16.04 -12.80
N SER B 81 4.52 -15.94 -13.93
CA SER B 81 5.97 -16.06 -13.97
C SER B 81 6.55 -14.84 -14.66
N ILE B 82 7.60 -14.26 -14.07
CA ILE B 82 8.30 -13.11 -14.63
C ILE B 82 9.78 -13.48 -14.71
N SER B 83 10.34 -13.43 -15.90
CA SER B 83 11.71 -13.89 -16.12
C SER B 83 12.69 -12.73 -16.04
N SER B 84 13.93 -13.07 -15.75
CA SER B 84 15.04 -12.13 -15.79
C SER B 84 14.76 -10.86 -14.98
N VAL B 85 14.30 -11.05 -13.74
CA VAL B 85 13.87 -9.90 -12.94
C VAL B 85 15.10 -9.14 -12.46
N THR B 86 14.87 -7.89 -12.06
CA THR B 86 15.89 -7.04 -11.47
C THR B 86 15.25 -6.26 -10.33
N SER B 87 16.00 -5.31 -9.78
CA SER B 87 15.45 -4.42 -8.75
C SER B 87 14.19 -3.72 -9.21
N GLU B 88 14.10 -3.41 -10.50
CA GLU B 88 12.91 -2.76 -11.03
CA GLU B 88 12.91 -2.76 -11.05
C GLU B 88 11.65 -3.59 -10.80
N ASP B 89 11.79 -4.88 -10.54
CA ASP B 89 10.62 -5.73 -10.35
C ASP B 89 10.23 -5.91 -8.88
N SER B 90 11.02 -5.36 -7.96
CA SER B 90 10.60 -5.34 -6.56
C SER B 90 9.32 -4.54 -6.43
N ALA B 91 8.29 -5.16 -5.86
CA ALA B 91 6.99 -4.51 -5.77
C ALA B 91 6.08 -5.36 -4.90
N THR B 92 4.92 -4.80 -4.57
CA THR B 92 3.79 -5.55 -4.06
C THR B 92 3.00 -6.06 -5.26
N TYR B 93 2.80 -7.38 -5.32
CA TYR B 93 2.08 -8.04 -6.41
C TYR B 93 0.69 -8.45 -5.96
N TYR B 94 -0.32 -8.00 -6.70
CA TYR B 94 -1.71 -8.36 -6.46
C TYR B 94 -2.23 -9.24 -7.59
N CYS B 95 -3.05 -10.23 -7.23
CA CYS B 95 -3.95 -10.86 -8.19
C CYS B 95 -5.36 -10.37 -7.89
N ALA B 96 -6.22 -10.38 -8.89
CA ALA B 96 -7.55 -9.81 -8.73
C ALA B 96 -8.46 -10.31 -9.84
N THR B 97 -9.73 -10.43 -9.50
CA THR B 97 -10.76 -10.63 -10.51
C THR B 97 -10.94 -9.33 -11.29
N VAL B 98 -10.98 -9.44 -12.62
CA VAL B 98 -11.03 -8.27 -13.48
C VAL B 98 -12.21 -8.38 -14.42
N HIS B 99 -12.79 -7.22 -14.74
CA HIS B 99 -13.81 -7.10 -15.77
C HIS B 99 -13.15 -6.83 -17.10
N GLN B 100 -13.50 -7.61 -18.12
CA GLN B 100 -12.95 -7.44 -19.46
C GLN B 100 -14.07 -7.67 -20.46
N LYS B 101 -14.39 -6.65 -21.26
CA LYS B 101 -15.40 -6.80 -22.29
C LYS B 101 -15.08 -5.88 -23.46
N THR B 102 -15.28 -6.39 -24.67
CA THR B 102 -15.21 -5.61 -25.90
C THR B 102 -16.63 -5.32 -26.36
N ALA B 103 -16.99 -4.03 -26.44
CA ALA B 103 -18.31 -3.59 -26.83
C ALA B 103 -18.27 -2.91 -28.20
N GLU B 104 -19.39 -2.98 -28.91
CA GLU B 104 -19.48 -2.44 -30.25
C GLU B 104 -20.79 -1.68 -30.41
N GLY B 105 -20.80 -0.74 -31.33
CA GLY B 105 -21.97 0.05 -31.63
C GLY B 105 -22.07 1.37 -30.92
N ASP B 106 -20.98 1.86 -30.35
CA ASP B 106 -20.99 3.14 -29.64
C ASP B 106 -20.87 4.25 -30.66
N LYS B 107 -22.01 4.68 -31.20
CA LYS B 107 -22.06 5.81 -32.11
C LYS B 107 -22.32 7.13 -31.37
N THR B 108 -22.33 7.11 -30.04
CA THR B 108 -22.50 8.33 -29.27
C THR B 108 -21.37 9.31 -29.56
N CYS B 109 -21.69 10.58 -29.62
CA CYS B 109 -20.68 11.59 -29.91
C CYS B 109 -20.14 12.20 -28.62
N PRO B 110 -18.85 12.53 -28.58
CA PRO B 110 -18.29 13.12 -27.35
C PRO B 110 -18.91 14.47 -27.00
N ASP B 111 -18.49 15.04 -25.87
CA ASP B 111 -18.99 16.35 -25.48
C ASP B 111 -18.51 17.42 -26.45
N GLY B 112 -19.37 18.40 -26.71
CA GLY B 112 -19.10 19.41 -27.71
C GLY B 112 -19.41 19.00 -29.13
N TYR B 113 -19.81 17.76 -29.35
CA TYR B 113 -20.21 17.25 -30.65
C TYR B 113 -21.67 16.84 -30.60
N GLU B 114 -22.24 16.62 -31.78
CA GLU B 114 -23.66 16.34 -31.91
C GLU B 114 -23.85 15.26 -32.97
N HIS B 115 -24.73 14.31 -32.68
CA HIS B 115 -25.04 13.24 -33.62
C HIS B 115 -26.01 13.76 -34.68
N THR B 116 -25.70 13.48 -35.94
CA THR B 116 -26.53 13.90 -37.06
C THR B 116 -26.51 12.83 -38.14
N CYS B 117 -27.59 12.76 -38.90
CA CYS B 117 -27.67 11.91 -40.08
C CYS B 117 -27.85 12.72 -41.36
N GLY B 118 -27.69 14.04 -41.29
CA GLY B 118 -27.81 14.89 -42.46
C GLY B 118 -26.48 15.21 -43.10
N CYS B 119 -25.50 14.34 -42.89
CA CYS B 119 -24.19 14.51 -43.49
C CYS B 119 -24.10 13.77 -44.83
N ILE B 120 -23.16 14.23 -45.67
CA ILE B 120 -22.83 13.47 -46.86
C ILE B 120 -22.24 12.13 -46.41
N GLY B 121 -22.89 11.05 -46.82
CA GLY B 121 -22.48 9.73 -46.45
C GLY B 121 -23.24 9.08 -45.30
N GLY B 122 -24.17 9.79 -44.65
CA GLY B 122 -25.07 9.22 -43.68
C GLY B 122 -24.82 9.88 -42.32
N CYS B 123 -24.75 9.05 -41.29
CA CYS B 123 -24.75 9.50 -39.91
C CYS B 123 -23.33 9.56 -39.36
N GLY B 124 -23.13 10.50 -38.44
CA GLY B 124 -21.81 10.69 -37.87
C GLY B 124 -21.86 11.67 -36.72
N CYS B 125 -20.71 12.29 -36.45
CA CYS B 125 -20.58 13.26 -35.39
C CYS B 125 -20.01 14.56 -35.94
N LYS B 126 -20.65 15.68 -35.59
CA LYS B 126 -20.16 16.98 -35.97
C LYS B 126 -19.97 17.84 -34.71
N ARG B 127 -19.07 18.82 -34.81
CA ARG B 127 -19.05 19.90 -33.82
C ARG B 127 -20.41 20.55 -33.77
N SER B 128 -20.89 20.85 -32.55
CA SER B 128 -22.23 21.41 -32.40
C SER B 128 -22.38 22.75 -33.13
N ALA B 129 -21.30 23.52 -33.24
CA ALA B 129 -21.36 24.82 -33.89
C ALA B 129 -21.32 24.73 -35.42
N CYS B 130 -20.93 23.59 -35.98
CA CYS B 130 -20.82 23.47 -37.42
C CYS B 130 -22.19 23.37 -38.08
N ILE B 131 -22.30 23.94 -39.26
CA ILE B 131 -23.55 23.94 -40.02
C ILE B 131 -23.24 23.48 -41.45
N GLY B 132 -24.00 22.50 -41.93
CA GLY B 132 -23.83 22.01 -43.28
C GLY B 132 -23.68 20.51 -43.36
N ALA B 133 -23.84 19.95 -44.55
CA ALA B 133 -23.75 18.51 -44.74
C ALA B 133 -22.33 17.99 -44.79
N LEU B 134 -21.33 18.87 -44.81
CA LEU B 134 -19.93 18.46 -44.80
C LEU B 134 -19.33 18.47 -43.39
N CYS B 135 -20.15 18.68 -42.36
CA CYS B 135 -19.64 18.80 -41.00
C CYS B 135 -19.10 17.49 -40.45
N CYS B 136 -19.38 16.37 -41.10
CA CYS B 136 -18.79 15.09 -40.73
C CYS B 136 -17.48 14.81 -41.46
N GLN B 137 -16.97 15.79 -42.20
CA GLN B 137 -15.65 15.67 -42.82
C GLN B 137 -14.57 15.99 -41.81
N ALA B 138 -13.37 15.43 -42.03
CA ALA B 138 -12.24 15.70 -41.16
C ALA B 138 -11.84 17.17 -41.23
N SER B 139 -11.87 17.76 -42.43
CA SER B 139 -11.49 19.17 -42.58
C SER B 139 -12.31 20.08 -41.67
N LEU B 140 -13.54 19.70 -41.34
CA LEU B 140 -14.40 20.47 -40.46
C LEU B 140 -14.49 19.88 -39.05
N GLY B 141 -13.67 18.87 -38.74
CA GLY B 141 -13.61 18.36 -37.40
C GLY B 141 -14.67 17.34 -37.03
N GLY B 142 -15.32 16.72 -38.02
CA GLY B 142 -16.29 15.68 -37.78
C GLY B 142 -15.85 14.35 -38.36
N TRP B 143 -16.72 13.36 -38.26
CA TRP B 143 -16.45 12.03 -38.79
C TRP B 143 -17.76 11.30 -38.97
N LEU B 144 -17.77 10.38 -39.93
CA LEU B 144 -18.90 9.50 -40.16
C LEU B 144 -18.77 8.27 -39.26
N SER B 145 -19.87 7.91 -38.60
CA SER B 145 -19.88 6.78 -37.68
C SER B 145 -20.37 5.56 -38.43
N ASP B 146 -19.48 5.00 -39.25
CA ASP B 146 -19.83 3.93 -40.18
C ASP B 146 -19.12 2.64 -39.78
N GLY B 147 -19.90 1.66 -39.31
CA GLY B 147 -19.43 0.29 -39.23
C GLY B 147 -18.97 -0.19 -37.88
N GLU B 148 -17.68 -0.03 -37.60
CA GLU B 148 -17.02 -0.70 -36.48
C GLU B 148 -16.53 0.31 -35.47
N THR B 149 -17.28 0.46 -34.37
CA THR B 149 -16.90 1.30 -33.24
C THR B 149 -16.69 0.38 -32.04
N TYR B 150 -15.50 -0.20 -31.95
CA TYR B 150 -15.18 -1.14 -30.87
C TYR B 150 -14.64 -0.37 -29.67
N THR B 151 -15.30 -0.53 -28.52
CA THR B 151 -14.88 0.09 -27.27
C THR B 151 -14.51 -1.00 -26.28
N TYR B 152 -13.43 -0.78 -25.52
CA TYR B 152 -12.87 -1.77 -24.63
C TYR B 152 -13.09 -1.36 -23.18
N GLU B 153 -13.70 -2.25 -22.40
CA GLU B 153 -14.00 -2.00 -21.00
C GLU B 153 -13.03 -2.79 -20.13
N PHE B 154 -12.42 -2.12 -19.17
CA PHE B 154 -11.58 -2.78 -18.19
C PHE B 154 -11.80 -2.16 -16.81
N HIS B 155 -11.80 -2.99 -15.79
CA HIS B 155 -11.69 -2.53 -14.42
C HIS B 155 -11.42 -3.73 -13.53
N VAL B 156 -10.74 -3.48 -12.42
CA VAL B 156 -10.44 -4.52 -11.44
C VAL B 156 -11.61 -4.63 -10.46
N ASP B 157 -12.07 -5.84 -10.23
CA ASP B 157 -13.27 -6.06 -9.41
C ASP B 157 -12.87 -6.23 -7.95
N THR B 158 -12.31 -7.39 -7.59
CA THR B 158 -11.91 -7.69 -6.23
C THR B 158 -10.40 -7.80 -6.16
N TRP B 159 -9.78 -6.98 -5.33
CA TRP B 159 -8.33 -6.97 -5.20
C TRP B 159 -7.86 -8.02 -4.19
N GLY B 160 -6.82 -8.76 -4.54
CA GLY B 160 -6.13 -9.59 -3.58
C GLY B 160 -5.46 -8.72 -2.51
N GLN B 161 -4.88 -9.41 -1.54
CA GLN B 161 -4.25 -8.70 -0.44
C GLN B 161 -2.89 -8.13 -0.82
N GLY B 162 -2.16 -8.81 -1.70
CA GLY B 162 -0.87 -8.33 -2.16
C GLY B 162 0.29 -9.04 -1.53
N LEU B 163 1.23 -9.53 -2.34
CA LEU B 163 2.43 -10.19 -1.86
C LEU B 163 3.61 -9.28 -2.09
N VAL B 164 4.41 -9.07 -1.04
CA VAL B 164 5.62 -8.26 -1.15
C VAL B 164 6.73 -9.11 -1.75
N VAL B 165 7.40 -8.59 -2.77
CA VAL B 165 8.48 -9.29 -3.44
C VAL B 165 9.68 -8.35 -3.56
N THR B 166 10.84 -8.84 -3.14
CA THR B 166 12.09 -8.08 -3.23
C THR B 166 13.02 -8.84 -4.15
N VAL B 167 13.59 -8.16 -5.13
CA VAL B 167 14.60 -8.72 -6.02
C VAL B 167 15.94 -8.14 -5.57
N SER B 168 16.80 -9.00 -5.05
CA SER B 168 18.07 -8.54 -4.50
C SER B 168 19.05 -9.70 -4.49
N SER B 169 20.33 -9.34 -4.51
CA SER B 169 21.41 -10.30 -4.32
C SER B 169 21.77 -10.50 -2.85
N ALA B 170 21.19 -9.69 -1.96
CA ALA B 170 21.37 -9.89 -0.52
C ALA B 170 20.66 -11.16 -0.08
N SER B 171 21.22 -11.82 0.92
CA SER B 171 20.71 -13.09 1.39
C SER B 171 19.65 -12.90 2.47
N THR B 172 18.74 -13.88 2.54
CA THR B 172 17.72 -13.88 3.59
C THR B 172 18.38 -13.83 4.96
N LYS B 173 17.66 -13.23 5.91
CA LYS B 173 18.04 -13.28 7.32
C LYS B 173 16.78 -13.37 8.17
N GLY B 174 16.68 -14.41 8.98
CA GLY B 174 15.63 -14.53 9.93
C GLY B 174 15.83 -13.54 11.08
N PRO B 175 14.75 -13.18 11.75
CA PRO B 175 14.83 -12.14 12.79
C PRO B 175 15.28 -12.71 14.13
N SER B 176 15.83 -11.83 14.95
CA SER B 176 15.96 -12.08 16.38
C SER B 176 14.81 -11.40 17.10
N VAL B 177 14.05 -12.17 17.87
CA VAL B 177 12.87 -11.68 18.57
C VAL B 177 13.24 -11.54 20.04
N PHE B 178 13.08 -10.33 20.59
CA PHE B 178 13.42 -10.04 21.96
C PHE B 178 12.19 -9.50 22.68
N PRO B 179 12.01 -9.84 23.95
CA PRO B 179 10.86 -9.30 24.68
C PRO B 179 11.10 -7.85 25.05
N LEU B 180 10.00 -7.06 25.03
CA LEU B 180 10.00 -5.66 25.45
C LEU B 180 9.12 -5.58 26.70
N ALA B 181 9.76 -5.71 27.86
CA ALA B 181 9.03 -5.74 29.12
C ALA B 181 8.98 -4.36 29.72
N PRO B 182 7.82 -3.91 30.21
CA PRO B 182 7.78 -2.64 30.94
C PRO B 182 8.46 -2.76 32.29
N SER B 183 9.21 -1.71 32.65
CA SER B 183 9.79 -1.63 33.98
C SER B 183 8.81 -0.90 34.91
N SER B 184 9.21 -0.76 36.18
CA SER B 184 8.34 -0.12 37.17
C SER B 184 8.18 1.37 36.94
N LYS B 185 8.98 1.97 36.07
CA LYS B 185 8.90 3.40 35.78
C LYS B 185 8.38 3.71 34.38
N SER B 186 8.30 2.72 33.49
CA SER B 186 7.81 2.92 32.14
C SER B 186 6.32 2.58 32.00
N THR B 187 5.66 2.20 33.09
CA THR B 187 4.23 1.93 33.04
C THR B 187 3.47 3.24 32.74
N SER B 188 2.15 3.12 32.69
CA SER B 188 1.26 4.26 32.44
C SER B 188 0.05 4.13 33.36
N GLY B 189 0.31 3.99 34.66
CA GLY B 189 -0.76 3.89 35.64
C GLY B 189 -1.48 2.55 35.61
N GLY B 190 -2.77 2.58 35.29
CA GLY B 190 -3.58 1.37 35.28
C GLY B 190 -3.28 0.42 34.13
N THR B 191 -2.54 0.87 33.11
CA THR B 191 -2.15 0.03 32.00
C THR B 191 -0.64 0.13 31.80
N ALA B 192 -0.11 -0.77 30.98
CA ALA B 192 1.30 -0.79 30.66
C ALA B 192 1.50 -1.37 29.27
N ALA B 193 2.56 -0.93 28.61
CA ALA B 193 2.88 -1.36 27.27
C ALA B 193 3.99 -2.40 27.36
N LEU B 194 3.71 -3.61 26.87
CA LEU B 194 4.70 -4.65 26.66
C LEU B 194 4.71 -5.03 25.19
N GLY B 195 5.82 -5.58 24.72
CA GLY B 195 5.91 -5.85 23.30
C GLY B 195 7.00 -6.82 22.91
N CYS B 196 7.26 -6.87 21.61
CA CYS B 196 8.32 -7.69 21.06
C CYS B 196 9.09 -6.89 20.04
N LEU B 197 10.43 -7.02 20.10
CA LEU B 197 11.34 -6.44 19.12
C LEU B 197 11.72 -7.52 18.11
N VAL B 198 11.40 -7.28 16.83
CA VAL B 198 11.74 -8.21 15.75
C VAL B 198 12.92 -7.59 14.99
N LYS B 199 14.13 -8.07 15.24
CA LYS B 199 15.33 -7.32 14.86
C LYS B 199 16.08 -8.01 13.72
N ASP B 200 16.48 -7.23 12.73
CA ASP B 200 17.49 -7.61 11.74
C ASP B 200 17.01 -8.82 10.92
N TYR B 201 15.96 -8.59 10.15
CA TYR B 201 15.48 -9.58 9.20
C TYR B 201 15.56 -8.99 7.79
N PHE B 202 15.56 -9.88 6.78
CA PHE B 202 15.58 -9.46 5.40
C PHE B 202 15.05 -10.67 4.66
N PRO B 203 14.05 -10.53 3.79
CA PRO B 203 13.33 -9.35 3.30
C PRO B 203 12.07 -9.11 4.09
N GLU B 204 11.34 -8.03 3.78
CA GLU B 204 9.95 -7.92 4.22
C GLU B 204 9.16 -9.07 3.60
N PRO B 205 8.03 -9.48 4.20
CA PRO B 205 7.35 -8.88 5.36
C PRO B 205 7.43 -9.71 6.64
N VAL B 206 6.95 -9.12 7.74
CA VAL B 206 6.82 -9.80 9.01
C VAL B 206 5.42 -9.52 9.55
N THR B 207 4.80 -10.53 10.15
CA THR B 207 3.53 -10.34 10.84
C THR B 207 3.69 -10.71 12.30
N VAL B 208 2.90 -10.05 13.15
CA VAL B 208 2.89 -10.33 14.58
C VAL B 208 1.45 -10.42 15.06
N SER B 209 1.13 -11.47 15.80
CA SER B 209 -0.11 -11.56 16.55
C SER B 209 0.23 -11.74 18.03
N TRP B 210 -0.79 -11.73 18.87
CA TRP B 210 -0.60 -11.90 20.30
C TRP B 210 -1.52 -12.99 20.82
N ASN B 211 -0.97 -13.88 21.65
CA ASN B 211 -1.70 -14.99 22.22
C ASN B 211 -2.47 -15.75 21.14
N SER B 212 -1.75 -16.12 20.07
CA SER B 212 -2.32 -16.89 18.97
C SER B 212 -3.53 -16.20 18.36
N GLY B 213 -3.59 -14.89 18.45
CA GLY B 213 -4.68 -14.13 17.90
C GLY B 213 -5.85 -13.89 18.84
N ALA B 214 -5.79 -14.38 20.07
CA ALA B 214 -6.87 -14.16 21.03
C ALA B 214 -6.78 -12.79 21.67
N LEU B 215 -5.65 -12.10 21.55
CA LEU B 215 -5.46 -10.76 22.10
C LEU B 215 -5.27 -9.82 20.93
N THR B 216 -6.27 -8.98 20.69
CA THR B 216 -6.24 -8.01 19.60
C THR B 216 -6.40 -6.57 20.03
N SER B 217 -7.14 -6.30 21.11
CA SER B 217 -7.36 -4.93 21.52
C SER B 217 -6.10 -4.37 22.19
N GLY B 218 -5.80 -3.13 21.87
CA GLY B 218 -4.60 -2.50 22.38
C GLY B 218 -3.33 -2.92 21.71
N VAL B 219 -3.41 -3.68 20.63
CA VAL B 219 -2.23 -4.16 19.92
C VAL B 219 -1.87 -3.11 18.88
N HIS B 220 -0.60 -2.74 18.83
CA HIS B 220 -0.09 -1.75 17.86
C HIS B 220 1.22 -2.28 17.29
N THR B 221 1.18 -2.81 16.08
CA THR B 221 2.38 -3.27 15.40
C THR B 221 2.90 -2.16 14.50
N PHE B 222 4.13 -1.73 14.73
CA PHE B 222 4.69 -0.59 14.04
C PHE B 222 5.31 -1.02 12.71
N PRO B 223 5.27 -0.14 11.72
CA PRO B 223 5.99 -0.42 10.48
C PRO B 223 7.48 -0.56 10.71
N ALA B 224 8.14 -1.31 9.83
CA ALA B 224 9.55 -1.61 9.99
C ALA B 224 10.43 -0.45 9.56
N VAL B 225 11.57 -0.33 10.21
CA VAL B 225 12.65 0.55 9.75
C VAL B 225 13.56 -0.25 8.83
N LEU B 226 14.05 0.39 7.77
CA LEU B 226 15.05 -0.19 6.90
C LEU B 226 16.37 0.46 7.31
N GLN B 227 17.26 -0.32 7.91
CA GLN B 227 18.49 0.18 8.50
C GLN B 227 19.58 0.28 7.46
N SER B 228 20.54 1.15 7.73
CA SER B 228 21.66 1.34 6.80
C SER B 228 22.35 0.03 6.48
N SER B 229 22.23 -0.97 7.35
CA SER B 229 22.77 -2.29 7.09
C SER B 229 22.03 -3.05 6.00
N GLY B 230 20.90 -2.53 5.53
CA GLY B 230 20.06 -3.28 4.62
C GLY B 230 19.11 -4.25 5.28
N LEU B 231 19.13 -4.35 6.59
CA LEU B 231 18.24 -5.21 7.36
C LEU B 231 17.07 -4.41 7.94
N TYR B 232 15.99 -5.12 8.24
CA TYR B 232 14.78 -4.52 8.76
C TYR B 232 14.65 -4.85 10.23
N SER B 233 14.01 -3.94 10.98
CA SER B 233 13.53 -4.21 12.32
C SER B 233 12.16 -3.58 12.49
N LEU B 234 11.29 -4.26 13.25
CA LEU B 234 10.01 -3.68 13.64
C LEU B 234 9.70 -4.10 15.05
N SER B 235 8.73 -3.42 15.66
CA SER B 235 8.30 -3.73 17.01
C SER B 235 6.79 -3.85 17.02
N SER B 236 6.29 -4.68 17.93
CA SER B 236 4.86 -4.78 18.20
C SER B 236 4.64 -4.72 19.71
N VAL B 237 3.70 -3.88 20.14
CA VAL B 237 3.39 -3.70 21.55
C VAL B 237 1.90 -3.91 21.75
N VAL B 238 1.52 -4.29 22.96
CA VAL B 238 0.13 -4.39 23.35
C VAL B 238 -0.02 -3.73 24.72
N THR B 239 -1.07 -2.95 24.88
CA THR B 239 -1.36 -2.26 26.14
C THR B 239 -2.32 -3.11 26.94
N VAL B 240 -1.93 -3.46 28.17
CA VAL B 240 -2.67 -4.40 29.01
C VAL B 240 -2.77 -3.80 30.41
N PRO B 241 -3.69 -4.34 31.23
CA PRO B 241 -3.77 -3.89 32.63
C PRO B 241 -2.44 -4.12 33.36
N SER B 242 -2.00 -3.10 34.08
CA SER B 242 -0.77 -3.24 34.87
C SER B 242 -0.92 -4.32 35.93
N SER B 243 -2.13 -4.57 36.40
CA SER B 243 -2.34 -5.59 37.43
C SER B 243 -1.92 -6.97 36.94
N SER B 244 -1.99 -7.22 35.63
CA SER B 244 -1.83 -8.56 35.09
C SER B 244 -0.45 -8.82 34.51
N LEU B 245 0.49 -7.89 34.67
CA LEU B 245 1.78 -8.03 34.01
C LEU B 245 2.52 -9.28 34.47
N GLY B 246 2.14 -9.87 35.60
CA GLY B 246 2.86 -10.99 36.14
C GLY B 246 2.00 -12.18 36.49
N THR B 247 0.73 -12.12 36.10
CA THR B 247 -0.19 -13.24 36.30
C THR B 247 -0.88 -13.72 35.02
N GLN B 248 -1.01 -12.89 33.99
CA GLN B 248 -1.57 -13.29 32.70
C GLN B 248 -0.42 -13.59 31.75
N THR B 249 -0.59 -14.60 30.92
CA THR B 249 0.42 -14.97 29.94
C THR B 249 0.29 -14.08 28.71
N TYR B 250 1.41 -13.51 28.27
CA TYR B 250 1.45 -12.66 27.08
C TYR B 250 2.55 -13.20 26.17
N ILE B 251 2.16 -13.61 24.95
CA ILE B 251 3.09 -14.19 24.00
C ILE B 251 2.86 -13.56 22.63
N CYS B 252 3.93 -13.03 22.03
CA CYS B 252 3.86 -12.53 20.67
C CYS B 252 4.21 -13.63 19.70
N ASN B 253 3.42 -13.72 18.61
CA ASN B 253 3.58 -14.73 17.58
C ASN B 253 4.17 -14.05 16.35
N VAL B 254 5.47 -14.22 16.15
CA VAL B 254 6.17 -13.57 15.04
C VAL B 254 6.25 -14.57 13.89
N ASN B 255 5.97 -14.09 12.67
CA ASN B 255 6.05 -14.91 11.46
C ASN B 255 6.90 -14.19 10.43
N HIS B 256 8.01 -14.81 10.02
CA HIS B 256 8.84 -14.29 8.93
C HIS B 256 8.92 -15.37 7.86
N LYS B 257 7.89 -15.44 7.02
CA LYS B 257 7.84 -16.49 6.01
C LYS B 257 9.05 -16.50 5.09
N PRO B 258 9.63 -15.38 4.69
CA PRO B 258 10.80 -15.45 3.78
C PRO B 258 11.96 -16.29 4.32
N SER B 259 12.13 -16.36 5.64
CA SER B 259 13.14 -17.23 6.23
C SER B 259 12.54 -18.47 6.86
N ASN B 260 11.25 -18.74 6.66
CA ASN B 260 10.58 -19.87 7.28
C ASN B 260 10.81 -19.90 8.79
N THR B 261 10.75 -18.73 9.42
CA THR B 261 10.94 -18.60 10.87
C THR B 261 9.64 -18.18 11.54
N LYS B 262 9.27 -18.87 12.60
CA LYS B 262 8.22 -18.45 13.51
C LYS B 262 8.76 -18.47 14.93
N VAL B 263 8.46 -17.42 15.69
CA VAL B 263 8.88 -17.31 17.08
C VAL B 263 7.68 -16.95 17.95
N ASP B 264 7.49 -17.70 19.02
CA ASP B 264 6.51 -17.36 20.07
C ASP B 264 7.36 -16.90 21.27
N LYS B 265 7.38 -15.59 21.52
CA LYS B 265 8.21 -15.00 22.57
C LYS B 265 7.30 -14.62 23.72
N LYS B 266 7.42 -15.37 24.83
CA LYS B 266 6.67 -15.04 26.03
C LYS B 266 7.35 -13.87 26.73
N VAL B 267 6.60 -12.79 26.97
CA VAL B 267 7.15 -11.60 27.60
C VAL B 267 6.90 -11.68 29.10
N GLU B 268 7.96 -11.72 29.88
CA GLU B 268 7.88 -11.79 31.32
C GLU B 268 8.02 -10.40 31.92
N PRO B 269 7.45 -10.16 33.12
CA PRO B 269 7.67 -8.87 33.77
C PRO B 269 9.09 -8.72 34.27
N LYS B 270 9.59 -7.50 34.22
CA LYS B 270 10.85 -7.15 34.88
C LYS B 270 10.61 -6.99 36.39
N SER B 271 11.69 -7.14 37.15
CA SER B 271 11.60 -7.01 38.60
C SER B 271 11.49 -5.56 39.05
N CYS B 272 12.45 -4.74 38.66
CA CYS B 272 12.43 -3.32 39.01
C CYS B 272 11.78 -2.48 37.91
#